data_1GA6
#
_entry.id   1GA6
#
_cell.length_a   97.400
_cell.length_b   97.400
_cell.length_c   83.350
_cell.angle_alpha   90.00
_cell.angle_beta   90.00
_cell.angle_gamma   120.00
#
_symmetry.space_group_name_H-M   'P 62'
#
loop_
_entity.id
_entity.type
_entity.pdbx_description
1 polymer 'SERINE-CARBOXYL PROTEINASE'
2 polymer 'FRAGMENT OF TYROSTATIN'
3 non-polymer 'CALCIUM ION'
4 non-polymer 'ACETATE ION'
5 non-polymer GLYCEROL
6 water water
#
loop_
_entity_poly.entity_id
_entity_poly.type
_entity_poly.pdbx_seq_one_letter_code
_entity_poly.pdbx_strand_id
1 'polypeptide(L)'
;AAGTAKGHNPTEFPTIYDASSAPTAANTTVGIITIGGVSQTLQDLQQFTSANGLASVNTQTIQTGSSNGDYSDDQQGQGE
WDLDSQSIVGSAGGAVQQLLFYMADQSASGNTGLTQAFNQAVSDNVAKVINVSLGWCEADANADGTLQAEDRIFATAAAQ
GQTFSVSSGDEGVYECNNRGYPDGSTYSVSWPASSPNVIAVGGTTLYTTSAGAYSNETVWNEGLDSNGKLWATGGGYSVY
ESKPSWQSVVSGTPGRRLLPDISFDAAQGTGALIYNYGQLQQIGGTSLASPIFVGLWARLQSANSNSLGFPAASFYSAIS
STPSLVHDVKSGNNGYGGYGYNAGTGWDYPTGWGSLDIAKLSAYIRSNGFGH
;
A
2 'polypeptide(L)' (UNK)Y(UNK) I
#
loop_
_chem_comp.id
_chem_comp.type
_chem_comp.name
_chem_comp.formula
ACT non-polymer 'ACETATE ION' 'C2 H3 O2 -1'
CA non-polymer 'CALCIUM ION' 'Ca 2'
GOL non-polymer GLYCEROL 'C3 H8 O3'
#
# COMPACT_ATOMS: atom_id res chain seq x y z
N ALA A 2 7.30 -23.75 -3.81
CA ALA A 2 6.09 -24.59 -3.81
C ALA A 2 4.92 -23.80 -4.37
N GLY A 3 3.74 -24.47 -4.62
CA GLY A 3 2.62 -23.63 -4.99
C GLY A 3 2.66 -23.18 -6.42
N THR A 4 1.69 -22.40 -6.85
CA THR A 4 1.55 -21.93 -8.20
C THR A 4 1.47 -20.42 -8.24
N ALA A 5 2.08 -19.84 -9.22
CA ALA A 5 1.98 -18.41 -9.58
C ALA A 5 0.86 -18.18 -10.58
N LYS A 6 -0.15 -17.44 -10.21
CA LYS A 6 -1.25 -17.12 -11.10
C LYS A 6 -1.90 -15.82 -10.63
N GLY A 7 -2.75 -15.25 -11.47
CA GLY A 7 -3.55 -14.13 -11.07
C GLY A 7 -4.67 -14.49 -10.12
N HIS A 8 -5.18 -13.52 -9.40
CA HIS A 8 -6.17 -13.72 -8.37
C HIS A 8 -7.29 -12.67 -8.46
N ASN A 9 -8.53 -13.11 -8.26
CA ASN A 9 -9.60 -12.17 -8.05
C ASN A 9 -9.38 -11.49 -6.70
N PRO A 10 -9.65 -10.18 -6.57
CA PRO A 10 -9.56 -9.53 -5.26
C PRO A 10 -10.36 -10.20 -4.16
N THR A 11 -11.47 -10.85 -4.46
CA THR A 11 -12.23 -11.53 -3.42
C THR A 11 -11.47 -12.72 -2.82
N GLU A 12 -10.36 -13.13 -3.44
CA GLU A 12 -9.53 -14.19 -2.86
C GLU A 12 -8.62 -13.69 -1.75
N PHE A 13 -8.33 -12.40 -1.69
CA PHE A 13 -7.31 -11.96 -0.74
C PHE A 13 -7.68 -12.29 0.72
N PRO A 14 -8.94 -12.26 1.15
CA PRO A 14 -9.21 -12.68 2.53
C PRO A 14 -8.79 -14.13 2.79
N THR A 15 -9.06 -15.05 1.86
CA THR A 15 -8.65 -16.42 2.12
C THR A 15 -7.14 -16.53 2.13
N ILE A 16 -6.48 -15.85 1.22
CA ILE A 16 -5.02 -15.93 1.14
C ILE A 16 -4.35 -15.45 2.42
N TYR A 17 -4.83 -14.34 2.97
CA TYR A 17 -4.23 -13.71 4.15
C TYR A 17 -5.00 -13.98 5.44
N ASP A 18 -5.80 -15.05 5.45
CA ASP A 18 -6.44 -15.53 6.69
C ASP A 18 -7.30 -14.51 7.35
N ALA A 19 -8.14 -13.80 6.56
CA ALA A 19 -9.06 -12.78 7.07
C ALA A 19 -10.51 -13.19 6.96
N SER A 20 -10.84 -14.35 6.41
CA SER A 20 -12.23 -14.73 6.22
C SER A 20 -13.03 -14.72 7.51
N SER A 21 -12.42 -15.07 8.64
CA SER A 21 -13.14 -15.16 9.90
C SER A 21 -13.34 -13.82 10.57
N ALA A 22 -12.74 -12.76 10.07
CA ALA A 22 -12.86 -11.41 10.65
C ALA A 22 -14.09 -10.74 10.12
N PRO A 23 -14.60 -9.72 10.83
CA PRO A 23 -15.66 -8.90 10.25
C PRO A 23 -15.19 -8.30 8.94
N THR A 24 -16.16 -7.93 8.10
CA THR A 24 -15.83 -7.09 6.95
C THR A 24 -15.56 -5.67 7.44
N ALA A 25 -15.18 -4.79 6.47
CA ALA A 25 -14.97 -3.38 6.77
C ALA A 25 -16.25 -2.57 6.67
N ALA A 26 -17.43 -3.19 6.81
CA ALA A 26 -18.70 -2.49 6.68
C ALA A 26 -18.86 -1.34 7.67
N ASN A 27 -18.13 -1.34 8.78
CA ASN A 27 -18.25 -0.27 9.76
C ASN A 27 -17.07 0.73 9.72
N THR A 28 -16.28 0.71 8.68
CA THR A 28 -15.08 1.57 8.56
C THR A 28 -15.12 2.31 7.25
N THR A 29 -14.90 3.63 7.30
CA THR A 29 -14.77 4.45 6.11
C THR A 29 -13.31 4.48 5.66
N VAL A 30 -13.13 4.26 4.36
CA VAL A 30 -11.81 4.16 3.73
C VAL A 30 -11.67 5.23 2.67
N GLY A 31 -10.48 5.86 2.64
CA GLY A 31 -10.15 6.82 1.61
C GLY A 31 -9.14 6.28 0.61
N ILE A 32 -9.18 6.88 -0.58
CA ILE A 32 -8.19 6.64 -1.64
C ILE A 32 -7.76 7.99 -2.17
N ILE A 33 -6.47 8.27 -2.17
CA ILE A 33 -5.92 9.47 -2.81
C ILE A 33 -5.79 9.20 -4.30
N THR A 34 -6.34 10.12 -5.11
CA THR A 34 -6.22 10.02 -6.56
C THR A 34 -5.67 11.32 -7.11
N ILE A 35 -5.16 11.23 -8.33
CA ILE A 35 -4.75 12.41 -9.13
C ILE A 35 -5.80 12.56 -10.20
N GLY A 36 -6.60 13.61 -10.13
CA GLY A 36 -7.74 13.75 -11.06
C GLY A 36 -8.93 12.88 -10.68
N GLY A 37 -9.83 12.81 -11.68
CA GLY A 37 -11.13 12.23 -11.47
C GLY A 37 -11.18 10.74 -11.51
N VAL A 38 -12.35 10.21 -11.21
CA VAL A 38 -12.60 8.79 -11.05
C VAL A 38 -13.88 8.34 -11.74
N SER A 39 -14.29 9.06 -12.81
CA SER A 39 -15.60 8.71 -13.39
C SER A 39 -15.60 7.30 -13.98
N GLN A 40 -14.58 6.95 -14.77
CA GLN A 40 -14.53 5.58 -15.28
C GLN A 40 -14.34 4.58 -14.13
N THR A 41 -13.47 4.93 -13.18
CA THR A 41 -13.23 4.05 -12.02
C THR A 41 -14.52 3.67 -11.33
N LEU A 42 -15.47 4.62 -11.17
CA LEU A 42 -16.71 4.27 -10.50
C LEU A 42 -17.57 3.29 -11.31
N GLN A 43 -17.49 3.38 -12.64
CA GLN A 43 -18.20 2.41 -13.49
C GLN A 43 -17.54 1.03 -13.38
N ASP A 44 -16.20 1.02 -13.39
CA ASP A 44 -15.46 -0.24 -13.20
C ASP A 44 -15.73 -0.83 -11.83
N LEU A 45 -15.95 0.01 -10.81
CA LEU A 45 -16.26 -0.49 -9.48
C LEU A 45 -17.64 -1.15 -9.45
N GLN A 46 -18.60 -0.56 -10.16
CA GLN A 46 -19.93 -1.17 -10.29
C GLN A 46 -19.84 -2.51 -11.03
N GLN A 47 -19.03 -2.57 -12.10
CA GLN A 47 -18.80 -3.84 -12.78
C GLN A 47 -18.24 -4.87 -11.77
N PHE A 48 -17.24 -4.46 -10.98
CA PHE A 48 -16.65 -5.32 -9.98
C PHE A 48 -17.66 -5.85 -8.99
N THR A 49 -18.39 -4.95 -8.29
CA THR A 49 -19.30 -5.45 -7.29
C THR A 49 -20.40 -6.30 -7.89
N SER A 50 -20.94 -5.86 -9.04
CA SER A 50 -22.00 -6.62 -9.66
C SER A 50 -21.52 -7.98 -10.12
N ALA A 51 -20.38 -8.09 -10.77
CA ALA A 51 -19.88 -9.38 -11.27
C ALA A 51 -19.66 -10.34 -10.12
N ASN A 52 -19.17 -9.84 -8.98
CA ASN A 52 -18.88 -10.67 -7.81
C ASN A 52 -20.11 -10.87 -6.91
N GLY A 53 -21.27 -10.35 -7.32
CA GLY A 53 -22.49 -10.56 -6.54
C GLY A 53 -22.51 -9.88 -5.20
N LEU A 54 -21.73 -8.82 -5.05
CA LEU A 54 -21.59 -8.11 -3.80
C LEU A 54 -22.58 -7.01 -3.68
N ALA A 55 -22.95 -6.67 -2.44
CA ALA A 55 -23.72 -5.49 -2.19
C ALA A 55 -22.99 -4.27 -2.78
N SER A 56 -23.71 -3.27 -3.29
CA SER A 56 -23.09 -2.08 -3.85
C SER A 56 -22.34 -1.27 -2.76
N VAL A 57 -21.24 -0.60 -3.22
CA VAL A 57 -20.40 0.21 -2.35
C VAL A 57 -20.83 1.66 -2.37
N ASN A 58 -21.02 2.28 -1.23
CA ASN A 58 -21.30 3.68 -1.10
C ASN A 58 -19.99 4.47 -1.37
N THR A 59 -20.01 5.39 -2.31
CA THR A 59 -18.85 6.19 -2.68
C THR A 59 -19.14 7.66 -2.53
N GLN A 60 -18.06 8.42 -2.38
CA GLN A 60 -18.12 9.88 -2.49
C GLN A 60 -16.85 10.31 -3.20
N THR A 61 -16.93 11.36 -4.01
CA THR A 61 -15.77 11.96 -4.63
C THR A 61 -15.64 13.37 -4.06
N ILE A 62 -14.39 13.71 -3.76
CA ILE A 62 -14.08 14.98 -3.11
C ILE A 62 -13.09 15.75 -3.95
N GLN A 63 -13.51 16.93 -4.40
CA GLN A 63 -12.61 17.87 -5.03
C GLN A 63 -11.81 18.55 -3.95
N THR A 64 -10.53 18.21 -3.85
CA THR A 64 -9.77 18.66 -2.68
C THR A 64 -9.13 20.02 -2.79
N GLY A 65 -9.09 20.59 -4.01
CA GLY A 65 -8.51 21.86 -4.26
C GLY A 65 -9.55 22.88 -4.68
N SER A 66 -9.10 23.81 -5.51
CA SER A 66 -9.90 24.85 -6.10
C SER A 66 -11.16 24.28 -6.75
N SER A 67 -12.32 24.92 -6.59
CA SER A 67 -13.50 24.48 -7.33
C SER A 67 -13.38 24.73 -8.82
N ASN A 68 -12.42 25.53 -9.20
CA ASN A 68 -12.12 25.76 -10.62
C ASN A 68 -11.06 24.81 -11.13
N GLY A 69 -10.64 23.85 -10.27
CA GLY A 69 -9.59 22.94 -10.69
C GLY A 69 -10.00 21.91 -11.73
N ASP A 70 -9.01 21.18 -12.19
CA ASP A 70 -9.17 20.13 -13.19
C ASP A 70 -9.22 18.77 -12.53
N TYR A 71 -10.43 18.23 -12.46
CA TYR A 71 -10.75 16.93 -11.91
C TYR A 71 -11.22 15.99 -13.01
N SER A 72 -10.80 16.26 -14.24
CA SER A 72 -11.09 15.34 -15.32
C SER A 72 -10.38 14.01 -15.06
N ASP A 73 -10.85 12.95 -15.70
CA ASP A 73 -10.20 11.65 -15.56
C ASP A 73 -8.86 11.67 -16.28
N ASP A 74 -7.84 11.17 -15.58
CA ASP A 74 -6.61 10.77 -16.23
C ASP A 74 -6.81 9.31 -16.67
N GLN A 75 -6.70 9.03 -17.98
CA GLN A 75 -7.13 7.74 -18.51
C GLN A 75 -6.27 6.64 -17.93
N GLN A 76 -4.95 6.79 -17.98
CA GLN A 76 -4.07 5.79 -17.36
C GLN A 76 -4.30 5.66 -15.88
N GLY A 77 -4.53 6.80 -15.23
CA GLY A 77 -4.78 6.84 -13.79
C GLY A 77 -5.95 5.97 -13.40
N GLN A 78 -6.98 5.86 -14.27
CA GLN A 78 -8.12 5.04 -13.89
C GLN A 78 -7.70 3.64 -13.53
N GLY A 79 -6.69 3.08 -14.22
CA GLY A 79 -6.23 1.72 -13.88
C GLY A 79 -5.71 1.65 -12.43
N GLU A 80 -5.02 2.69 -11.98
CA GLU A 80 -4.59 2.76 -10.58
C GLU A 80 -5.79 2.84 -9.65
N TRP A 81 -6.73 3.74 -9.89
CA TRP A 81 -7.80 3.87 -8.96
C TRP A 81 -8.71 2.62 -8.96
N ASP A 82 -8.78 1.96 -10.11
CA ASP A 82 -9.44 0.67 -10.25
C ASP A 82 -8.78 -0.39 -9.39
N LEU A 83 -7.47 -0.53 -9.57
CA LEU A 83 -6.70 -1.47 -8.75
C LEU A 83 -6.94 -1.21 -7.29
N ASP A 84 -6.89 0.07 -6.89
CA ASP A 84 -6.94 0.40 -5.49
C ASP A 84 -8.31 0.05 -4.92
N SER A 85 -9.37 0.55 -5.59
CA SER A 85 -10.73 0.38 -5.06
C SER A 85 -11.17 -1.08 -5.08
N GLN A 86 -10.93 -1.78 -6.17
CA GLN A 86 -11.36 -3.19 -6.24
C GLN A 86 -10.57 -4.04 -5.24
N SER A 87 -9.26 -3.79 -5.10
CA SER A 87 -8.46 -4.56 -4.17
C SER A 87 -8.84 -4.29 -2.72
N ILE A 88 -9.14 -3.04 -2.39
CA ILE A 88 -9.64 -2.70 -1.05
C ILE A 88 -10.92 -3.47 -0.76
N VAL A 89 -11.91 -3.34 -1.69
CA VAL A 89 -13.21 -3.92 -1.37
C VAL A 89 -13.13 -5.45 -1.27
N GLY A 90 -12.36 -6.08 -2.19
CA GLY A 90 -12.18 -7.52 -2.09
C GLY A 90 -11.52 -7.93 -0.78
N SER A 91 -10.41 -7.24 -0.45
CA SER A 91 -9.65 -7.61 0.75
C SER A 91 -10.48 -7.39 2.02
N ALA A 92 -11.34 -6.36 1.99
CA ALA A 92 -12.23 -6.02 3.09
C ALA A 92 -13.36 -7.02 3.28
N GLY A 93 -13.45 -8.06 2.44
CA GLY A 93 -14.52 -9.03 2.58
C GLY A 93 -15.80 -8.61 1.87
N GLY A 94 -15.69 -7.68 0.93
CA GLY A 94 -16.81 -7.34 0.07
C GLY A 94 -17.66 -6.19 0.57
N ALA A 95 -17.23 -5.45 1.57
CA ALA A 95 -18.00 -4.35 2.10
C ALA A 95 -17.07 -3.35 2.83
N VAL A 96 -17.35 -2.09 2.63
CA VAL A 96 -16.73 -0.97 3.33
C VAL A 96 -17.86 -0.03 3.71
N GLN A 97 -17.73 0.76 4.76
CA GLN A 97 -18.79 1.69 5.12
C GLN A 97 -19.07 2.66 3.98
N GLN A 98 -17.98 3.26 3.49
CA GLN A 98 -17.99 4.23 2.43
C GLN A 98 -16.56 4.22 1.85
N LEU A 99 -16.44 4.48 0.54
CA LEU A 99 -15.18 4.67 -0.09
C LEU A 99 -15.13 6.11 -0.55
N LEU A 100 -14.15 6.88 -0.05
CA LEU A 100 -13.99 8.27 -0.36
C LEU A 100 -12.80 8.46 -1.28
N PHE A 101 -13.04 9.08 -2.44
CA PHE A 101 -11.97 9.38 -3.39
C PHE A 101 -11.58 10.84 -3.22
N TYR A 102 -10.38 11.05 -2.67
CA TYR A 102 -9.82 12.39 -2.44
C TYR A 102 -9.02 12.76 -3.65
N MET A 103 -9.62 13.57 -4.55
CA MET A 103 -9.08 13.83 -5.86
C MET A 103 -8.20 15.08 -5.85
N ALA A 104 -6.94 14.92 -6.26
CA ALA A 104 -6.03 16.05 -6.42
C ALA A 104 -6.33 16.82 -7.71
N ASP A 105 -6.32 18.13 -7.58
CA ASP A 105 -6.48 19.06 -8.73
C ASP A 105 -5.28 18.92 -9.64
N GLN A 106 -5.49 18.64 -10.91
CA GLN A 106 -4.40 18.46 -11.89
C GLN A 106 -3.83 19.75 -12.44
N SER A 107 -4.48 20.87 -12.16
CA SER A 107 -3.94 22.11 -12.72
C SER A 107 -3.26 22.93 -11.61
N ALA A 108 -3.15 22.40 -10.42
CA ALA A 108 -2.37 23.05 -9.35
C ALA A 108 -0.89 22.92 -9.68
N SER A 109 -0.11 23.89 -9.24
CA SER A 109 1.35 23.97 -9.45
C SER A 109 2.10 22.83 -8.77
N GLY A 110 3.09 22.25 -9.41
CA GLY A 110 4.00 21.24 -8.88
C GLY A 110 3.27 20.11 -8.19
N ASN A 111 3.59 19.85 -6.91
CA ASN A 111 2.92 18.80 -6.17
C ASN A 111 1.82 19.33 -5.25
N THR A 112 1.47 20.64 -5.47
CA THR A 112 0.53 21.22 -4.48
C THR A 112 -0.84 20.60 -4.55
N GLY A 113 -1.25 20.10 -5.73
CA GLY A 113 -2.60 19.45 -5.80
C GLY A 113 -2.61 18.18 -4.94
N LEU A 114 -1.56 17.37 -5.05
CA LEU A 114 -1.45 16.16 -4.28
C LEU A 114 -1.36 16.47 -2.80
N THR A 115 -0.55 17.46 -2.41
CA THR A 115 -0.48 17.86 -1.04
C THR A 115 -1.85 18.23 -0.47
N GLN A 116 -2.62 19.00 -1.26
CA GLN A 116 -3.95 19.41 -0.84
C GLN A 116 -4.89 18.20 -0.70
N ALA A 117 -4.72 17.15 -1.53
CA ALA A 117 -5.55 15.95 -1.37
C ALA A 117 -5.25 15.27 -0.05
N PHE A 118 -3.97 15.10 0.31
CA PHE A 118 -3.64 14.58 1.62
C PHE A 118 -4.22 15.45 2.73
N ASN A 119 -4.05 16.77 2.59
CA ASN A 119 -4.51 17.71 3.60
C ASN A 119 -6.03 17.57 3.81
N GLN A 120 -6.79 17.46 2.73
CA GLN A 120 -8.23 17.38 2.88
C GLN A 120 -8.62 16.10 3.64
N ALA A 121 -7.96 14.97 3.33
CA ALA A 121 -8.30 13.72 4.02
C ALA A 121 -8.02 13.83 5.50
N VAL A 122 -6.94 14.53 5.90
CA VAL A 122 -6.60 14.69 7.30
C VAL A 122 -7.52 15.70 7.97
N SER A 123 -7.79 16.83 7.32
CA SER A 123 -8.67 17.85 7.88
C SER A 123 -10.06 17.29 8.10
N ASP A 124 -10.60 16.58 7.13
CA ASP A 124 -11.94 16.02 7.26
C ASP A 124 -11.98 15.02 8.41
N ASN A 125 -10.96 14.16 8.48
CA ASN A 125 -10.86 13.19 9.54
C ASN A 125 -12.11 12.30 9.61
N VAL A 126 -12.54 11.81 8.46
CA VAL A 126 -13.68 10.89 8.39
C VAL A 126 -13.24 9.48 8.00
N ALA A 127 -12.21 9.33 7.17
CA ALA A 127 -11.68 8.05 6.79
C ALA A 127 -10.69 7.58 7.87
N LYS A 128 -10.84 6.36 8.33
CA LYS A 128 -9.93 5.79 9.30
C LYS A 128 -8.62 5.32 8.66
N VAL A 129 -8.72 4.85 7.43
CA VAL A 129 -7.60 4.25 6.69
C VAL A 129 -7.63 4.87 5.30
N ILE A 130 -6.47 5.28 4.78
CA ILE A 130 -6.38 5.97 3.50
C ILE A 130 -5.25 5.32 2.68
N ASN A 131 -5.61 4.92 1.46
CA ASN A 131 -4.63 4.33 0.52
C ASN A 131 -3.95 5.40 -0.32
N VAL A 132 -2.63 5.20 -0.48
CA VAL A 132 -1.80 6.05 -1.34
C VAL A 132 -0.92 5.14 -2.20
N SER A 133 -1.40 4.76 -3.39
CA SER A 133 -0.65 3.94 -4.32
C SER A 133 0.15 4.81 -5.28
N LEU A 134 1.03 5.64 -4.71
CA LEU A 134 1.77 6.68 -5.40
C LEU A 134 3.15 6.80 -4.79
N GLY A 135 4.10 7.26 -5.58
CA GLY A 135 5.43 7.48 -5.03
C GLY A 135 6.37 8.07 -6.08
N TRP A 136 7.43 8.71 -5.55
CA TRP A 136 8.51 9.16 -6.40
C TRP A 136 9.74 9.39 -5.52
N CYS A 137 10.88 9.58 -6.16
CA CYS A 137 12.15 9.73 -5.45
C CYS A 137 12.05 10.70 -4.29
N GLU A 138 12.42 10.22 -3.07
CA GLU A 138 12.27 11.08 -1.91
C GLU A 138 13.16 12.32 -1.98
N ALA A 139 14.31 12.22 -2.66
CA ALA A 139 15.26 13.33 -2.76
C ALA A 139 14.69 14.45 -3.63
N ASP A 140 13.85 14.12 -4.59
CA ASP A 140 13.17 15.12 -5.42
C ASP A 140 12.11 15.84 -4.56
N ALA A 141 11.33 15.03 -3.79
CA ALA A 141 10.33 15.59 -2.89
C ALA A 141 11.01 16.51 -1.86
N ASN A 142 12.19 16.12 -1.40
CA ASN A 142 12.87 16.94 -0.42
C ASN A 142 13.34 18.25 -1.04
N ALA A 143 13.88 18.19 -2.24
CA ALA A 143 14.52 19.35 -2.86
C ALA A 143 13.56 20.50 -3.06
N ASP A 144 12.29 20.23 -3.34
CA ASP A 144 11.33 21.24 -3.71
C ASP A 144 10.38 21.55 -2.53
N GLY A 145 10.64 20.99 -1.35
CA GLY A 145 9.87 21.30 -0.16
C GLY A 145 8.60 20.45 -0.02
N THR A 146 8.32 19.58 -0.99
CA THR A 146 7.12 18.75 -0.89
C THR A 146 7.17 17.83 0.32
N LEU A 147 8.33 17.24 0.55
CA LEU A 147 8.51 16.29 1.64
C LEU A 147 8.10 16.96 2.96
N GLN A 148 8.67 18.11 3.25
CA GLN A 148 8.38 18.79 4.51
C GLN A 148 6.91 19.14 4.62
N ALA A 149 6.32 19.65 3.55
CA ALA A 149 4.88 20.08 3.62
C ALA A 149 4.01 18.86 3.89
N GLU A 150 4.26 17.76 3.17
CA GLU A 150 3.41 16.57 3.30
C GLU A 150 3.64 15.85 4.59
N ASP A 151 4.88 15.83 5.09
CA ASP A 151 5.15 15.14 6.36
C ASP A 151 4.35 15.78 7.50
N ARG A 152 4.18 17.09 7.48
CA ARG A 152 3.38 17.74 8.51
C ARG A 152 1.94 17.22 8.53
N ILE A 153 1.39 17.00 7.36
CA ILE A 153 0.03 16.50 7.18
C ILE A 153 -0.06 15.06 7.70
N PHE A 154 0.90 14.20 7.29
CA PHE A 154 0.87 12.83 7.77
C PHE A 154 1.07 12.75 9.28
N ALA A 155 1.90 13.64 9.84
CA ALA A 155 2.07 13.69 11.29
C ALA A 155 0.73 13.96 11.98
N THR A 156 -0.04 14.91 11.47
CA THR A 156 -1.35 15.18 12.03
C THR A 156 -2.26 13.96 11.93
N ALA A 157 -2.22 13.27 10.78
CA ALA A 157 -3.01 12.06 10.59
C ALA A 157 -2.70 11.04 11.68
N ALA A 158 -1.40 10.76 11.86
CA ALA A 158 -1.02 9.75 12.85
C ALA A 158 -1.49 10.16 14.24
N ALA A 159 -1.35 11.44 14.58
CA ALA A 159 -1.75 11.91 15.91
C ALA A 159 -3.24 11.79 16.14
N GLN A 160 -4.03 11.90 15.06
CA GLN A 160 -5.49 11.77 15.15
C GLN A 160 -5.95 10.33 15.01
N GLY A 161 -5.05 9.37 14.85
CA GLY A 161 -5.42 7.97 14.80
C GLY A 161 -5.77 7.44 13.43
N GLN A 162 -5.45 8.20 12.36
CA GLN A 162 -5.65 7.70 10.98
C GLN A 162 -4.41 6.93 10.52
N THR A 163 -4.68 5.90 9.72
CA THR A 163 -3.63 5.13 9.06
C THR A 163 -3.59 5.49 7.55
N PHE A 164 -2.53 6.17 7.11
CA PHE A 164 -2.15 6.23 5.73
C PHE A 164 -1.27 5.02 5.38
N SER A 165 -1.63 4.33 4.33
CA SER A 165 -0.87 3.21 3.77
C SER A 165 -0.32 3.64 2.43
N VAL A 166 0.98 3.44 2.22
CA VAL A 166 1.63 3.92 1.03
C VAL A 166 2.45 2.81 0.40
N SER A 167 2.29 2.64 -0.91
CA SER A 167 3.12 1.70 -1.67
C SER A 167 4.62 2.05 -1.53
N SER A 168 5.45 1.02 -1.32
CA SER A 168 6.87 1.28 -1.09
C SER A 168 7.65 1.65 -2.35
N GLY A 169 7.10 1.36 -3.52
CA GLY A 169 7.78 1.66 -4.77
C GLY A 169 7.84 0.43 -5.67
N ASP A 170 7.99 0.68 -6.97
CA ASP A 170 8.00 -0.35 -8.01
C ASP A 170 9.33 -0.45 -8.73
N GLU A 171 10.36 0.22 -8.21
CA GLU A 171 11.65 0.41 -8.87
C GLU A 171 12.77 -0.35 -8.15
N GLY A 172 12.39 -1.25 -7.23
CA GLY A 172 13.38 -1.83 -6.35
C GLY A 172 14.18 -0.74 -5.66
N VAL A 173 15.49 -0.97 -5.49
CA VAL A 173 16.39 -0.01 -4.89
C VAL A 173 16.71 1.18 -5.77
N TYR A 174 16.22 1.23 -7.00
CA TYR A 174 16.65 2.25 -7.97
C TYR A 174 15.62 3.34 -8.19
N GLU A 175 14.95 3.77 -7.12
CA GLU A 175 13.88 4.76 -7.22
C GLU A 175 14.31 6.07 -7.86
N CYS A 176 15.48 6.58 -7.45
CA CYS A 176 15.91 7.91 -7.86
C CYS A 176 16.70 7.91 -9.18
N ASN A 177 16.96 6.78 -9.78
CA ASN A 177 17.73 6.69 -11.02
C ASN A 177 16.76 6.66 -12.20
N ASN A 178 16.18 7.84 -12.52
CA ASN A 178 15.19 7.90 -13.58
C ASN A 178 14.07 6.88 -13.36
N ARG A 179 13.62 6.75 -12.12
CA ARG A 179 12.48 5.90 -11.80
C ARG A 179 12.75 4.46 -12.28
N GLY A 180 13.80 3.84 -11.71
CA GLY A 180 14.00 2.42 -11.81
C GLY A 180 15.03 1.86 -12.74
N TYR A 181 15.92 2.68 -13.31
CA TYR A 181 16.97 2.12 -14.15
C TYR A 181 18.09 1.57 -13.27
N PRO A 182 18.62 0.37 -13.58
CA PRO A 182 19.70 -0.18 -12.80
C PRO A 182 20.84 0.78 -12.61
N ASP A 183 21.36 0.83 -11.36
CA ASP A 183 22.37 1.79 -10.94
C ASP A 183 23.35 1.15 -10.01
N GLY A 184 23.67 -0.11 -10.18
CA GLY A 184 24.74 -0.66 -9.43
C GLY A 184 24.42 -0.66 -7.95
N SER A 185 25.39 -0.17 -7.17
CA SER A 185 25.29 -0.13 -5.74
C SER A 185 24.58 1.13 -5.21
N THR A 186 24.02 1.97 -6.07
CA THR A 186 23.39 3.22 -5.66
C THR A 186 21.90 3.01 -5.39
N TYR A 187 21.53 3.07 -4.11
CA TYR A 187 20.20 2.70 -3.64
C TYR A 187 19.46 3.94 -3.10
N SER A 188 18.15 3.96 -3.28
CA SER A 188 17.31 5.09 -2.90
C SER A 188 15.90 4.58 -2.61
N VAL A 189 15.05 5.47 -2.08
CA VAL A 189 13.70 5.10 -1.69
C VAL A 189 12.68 6.15 -2.15
N SER A 190 11.42 5.70 -2.07
CA SER A 190 10.24 6.47 -2.47
C SER A 190 9.59 7.23 -1.34
N TRP A 191 9.12 8.42 -1.69
CA TRP A 191 8.24 9.26 -0.91
C TRP A 191 6.82 9.15 -1.51
N PRO A 192 5.75 9.06 -0.68
CA PRO A 192 5.73 9.27 0.76
C PRO A 192 5.95 8.03 1.62
N ALA A 193 6.33 6.88 1.02
CA ALA A 193 6.56 5.69 1.82
C ALA A 193 7.63 5.91 2.90
N SER A 194 8.63 6.77 2.62
CA SER A 194 9.70 6.95 3.58
C SER A 194 9.29 7.81 4.79
N SER A 195 8.09 8.38 4.80
CA SER A 195 7.62 9.08 5.99
C SER A 195 7.45 8.10 7.16
N PRO A 196 7.86 8.52 8.38
CA PRO A 196 7.59 7.69 9.55
C PRO A 196 6.15 7.77 10.04
N ASN A 197 5.34 8.63 9.39
CA ASN A 197 3.94 8.87 9.75
C ASN A 197 2.95 8.11 8.90
N VAL A 198 3.44 7.16 8.07
CA VAL A 198 2.61 6.30 7.25
C VAL A 198 3.09 4.86 7.45
N ILE A 199 2.24 3.90 7.05
CA ILE A 199 2.65 2.50 6.93
C ILE A 199 3.10 2.30 5.50
N ALA A 200 4.37 1.89 5.32
CA ALA A 200 4.93 1.61 4.00
C ALA A 200 4.73 0.13 3.70
N VAL A 201 4.18 -0.16 2.53
CA VAL A 201 3.80 -1.54 2.16
C VAL A 201 4.58 -1.97 0.91
N GLY A 202 5.41 -2.99 1.11
CA GLY A 202 6.21 -3.57 0.03
C GLY A 202 5.50 -4.75 -0.61
N GLY A 203 6.28 -5.45 -1.46
CA GLY A 203 5.70 -6.36 -2.42
C GLY A 203 6.30 -7.76 -2.43
N THR A 204 5.41 -8.73 -2.61
CA THR A 204 5.77 -10.13 -2.67
C THR A 204 5.35 -10.78 -4.00
N THR A 205 5.97 -11.93 -4.26
CA THR A 205 5.48 -12.89 -5.26
C THR A 205 4.71 -13.93 -4.50
N LEU A 206 3.42 -14.09 -4.81
CA LEU A 206 2.51 -14.90 -4.03
C LEU A 206 2.25 -16.24 -4.75
N TYR A 207 2.50 -17.32 -4.05
CA TYR A 207 2.21 -18.68 -4.52
C TYR A 207 1.06 -19.24 -3.70
N THR A 208 0.12 -19.89 -4.38
CA THR A 208 -1.05 -20.51 -3.76
C THR A 208 -1.08 -21.99 -4.12
N THR A 209 -1.80 -22.73 -3.29
CA THR A 209 -1.99 -24.16 -3.53
C THR A 209 -3.08 -24.35 -4.52
N SER A 210 -3.25 -25.61 -4.99
CA SER A 210 -4.31 -25.89 -5.96
C SER A 210 -5.69 -25.62 -5.38
N ALA A 211 -5.81 -25.72 -4.08
CA ALA A 211 -7.12 -25.40 -3.47
C ALA A 211 -7.28 -23.91 -3.22
N GLY A 212 -6.28 -23.11 -3.52
CA GLY A 212 -6.36 -21.68 -3.43
C GLY A 212 -5.85 -21.11 -2.15
N ALA A 213 -5.29 -21.97 -1.33
CA ALA A 213 -4.77 -21.49 -0.07
C ALA A 213 -3.40 -20.85 -0.21
N TYR A 214 -3.00 -20.08 0.79
CA TYR A 214 -1.65 -19.59 0.87
C TYR A 214 -0.64 -20.71 0.80
N SER A 215 0.38 -20.58 -0.06
CA SER A 215 1.51 -21.52 -0.07
C SER A 215 2.78 -20.83 0.46
N ASN A 216 3.25 -19.79 -0.25
CA ASN A 216 4.48 -19.11 0.17
C ASN A 216 4.57 -17.79 -0.58
N GLU A 217 5.43 -16.92 -0.07
CA GLU A 217 5.76 -15.65 -0.70
C GLU A 217 7.25 -15.49 -0.76
N THR A 218 7.72 -14.96 -1.89
CA THR A 218 9.11 -14.51 -2.11
C THR A 218 9.10 -13.01 -2.36
N VAL A 219 10.28 -12.42 -2.46
CA VAL A 219 10.34 -11.00 -2.82
C VAL A 219 9.74 -10.79 -4.19
N TRP A 220 9.02 -9.66 -4.41
CA TRP A 220 8.63 -9.23 -5.76
C TRP A 220 9.85 -8.66 -6.48
N ASN A 221 10.30 -9.37 -7.55
CA ASN A 221 11.30 -8.84 -8.43
C ASN A 221 11.11 -9.55 -9.80
N GLU A 222 10.54 -8.80 -10.74
CA GLU A 222 10.27 -9.30 -12.10
C GLU A 222 11.28 -8.85 -13.10
N GLY A 223 12.41 -8.31 -12.66
CA GLY A 223 13.47 -7.94 -13.57
C GLY A 223 13.12 -6.74 -14.41
N LEU A 224 13.77 -6.64 -15.60
CA LEU A 224 13.66 -5.43 -16.42
C LEU A 224 12.57 -5.62 -17.48
N ASP A 225 11.91 -4.49 -17.75
CA ASP A 225 11.03 -4.44 -18.93
C ASP A 225 11.81 -4.14 -20.17
N SER A 226 11.07 -4.01 -21.28
CA SER A 226 11.75 -3.84 -22.55
C SER A 226 12.42 -2.46 -22.69
N ASN A 227 12.08 -1.52 -21.83
CA ASN A 227 12.78 -0.22 -21.77
C ASN A 227 14.06 -0.30 -20.93
N GLY A 228 14.23 -1.41 -20.16
CA GLY A 228 15.35 -1.51 -19.27
C GLY A 228 15.13 -1.11 -17.81
N LYS A 229 13.86 -0.85 -17.45
CA LYS A 229 13.50 -0.45 -16.10
C LYS A 229 13.22 -1.67 -15.23
N LEU A 230 13.69 -1.64 -14.01
CA LEU A 230 13.44 -2.68 -13.01
C LEU A 230 12.02 -2.56 -12.43
N TRP A 231 11.38 -3.70 -12.25
CA TRP A 231 10.09 -3.86 -11.56
C TRP A 231 10.30 -4.76 -10.37
N ALA A 232 10.33 -4.12 -9.18
CA ALA A 232 10.61 -4.84 -7.95
C ALA A 232 10.17 -3.99 -6.78
N THR A 233 10.04 -4.64 -5.62
CA THR A 233 9.58 -3.96 -4.41
C THR A 233 10.56 -2.90 -3.91
N GLY A 234 10.06 -1.70 -3.66
CA GLY A 234 10.84 -0.68 -3.02
C GLY A 234 11.17 -1.06 -1.60
N GLY A 235 12.40 -0.74 -1.14
CA GLY A 235 12.80 -1.02 0.22
C GLY A 235 14.20 -0.53 0.43
N GLY A 236 14.47 -0.15 1.67
CA GLY A 236 15.75 0.49 2.03
C GLY A 236 15.51 1.36 3.23
N TYR A 237 16.15 2.50 3.25
CA TYR A 237 15.96 3.45 4.36
C TYR A 237 15.96 4.86 3.79
N SER A 238 15.25 5.77 4.49
CA SER A 238 15.30 7.18 4.09
C SER A 238 16.67 7.76 4.35
N VAL A 239 17.11 8.65 3.47
CA VAL A 239 18.34 9.39 3.75
C VAL A 239 18.08 10.59 4.68
N TYR A 240 16.82 10.98 4.84
CA TYR A 240 16.46 12.18 5.60
C TYR A 240 15.79 11.87 6.91
N GLU A 241 14.79 10.99 6.92
CA GLU A 241 13.96 10.77 8.08
C GLU A 241 14.72 9.95 9.13
N SER A 242 14.70 10.42 10.37
CA SER A 242 15.30 9.69 11.48
C SER A 242 14.51 8.41 11.79
N LYS A 243 15.17 7.45 12.38
CA LYS A 243 14.51 6.22 12.78
C LYS A 243 13.49 6.51 13.92
N PRO A 244 12.24 6.13 13.76
CA PRO A 244 11.30 6.18 14.90
C PRO A 244 11.73 5.15 15.93
N SER A 245 11.48 5.45 17.19
CA SER A 245 12.05 4.61 18.26
C SER A 245 11.56 3.18 18.20
N TRP A 246 10.35 2.94 17.70
CA TRP A 246 9.85 1.58 17.62
C TRP A 246 10.62 0.68 16.66
N GLN A 247 11.34 1.28 15.70
CA GLN A 247 12.14 0.48 14.77
C GLN A 247 13.49 0.03 15.38
N SER A 248 13.78 0.44 16.60
CA SER A 248 15.04 0.05 17.26
C SER A 248 15.10 -1.46 17.42
N VAL A 249 14.00 -2.17 17.38
CA VAL A 249 14.03 -3.61 17.48
C VAL A 249 14.70 -4.27 16.27
N VAL A 250 14.90 -3.56 15.18
CA VAL A 250 15.63 -4.12 14.02
C VAL A 250 17.09 -3.65 14.20
N SER A 251 17.90 -4.44 14.95
CA SER A 251 19.28 -3.99 15.26
C SER A 251 20.16 -4.05 14.03
N GLY A 252 21.18 -3.26 14.04
CA GLY A 252 22.17 -3.30 12.97
C GLY A 252 21.78 -2.54 11.74
N THR A 253 20.92 -1.56 11.86
CA THR A 253 20.41 -0.73 10.78
C THR A 253 20.74 0.73 11.08
N PRO A 254 20.77 1.62 10.09
CA PRO A 254 21.11 3.02 10.35
C PRO A 254 20.03 3.71 11.15
N GLY A 255 20.38 4.92 11.60
CA GLY A 255 19.49 5.78 12.38
C GLY A 255 18.47 6.50 11.56
N ARG A 256 17.83 5.79 10.62
CA ARG A 256 16.94 6.31 9.62
C ARG A 256 15.66 5.48 9.62
N ARG A 257 14.59 6.07 9.05
CA ARG A 257 13.33 5.34 8.86
C ARG A 257 13.57 4.22 7.84
N LEU A 258 13.39 2.99 8.29
CA LEU A 258 13.57 1.79 7.50
C LEU A 258 12.26 1.45 6.80
N LEU A 259 12.24 0.98 5.57
CA LEU A 259 10.97 0.65 4.90
C LEU A 259 11.21 -0.53 3.98
N PRO A 260 10.15 -1.28 3.64
CA PRO A 260 8.76 -1.12 4.10
C PRO A 260 8.57 -1.68 5.53
N ASP A 261 7.37 -1.46 6.04
CA ASP A 261 6.97 -2.02 7.33
C ASP A 261 6.48 -3.48 7.18
N ILE A 262 5.62 -3.70 6.21
CA ILE A 262 4.96 -4.98 5.91
C ILE A 262 4.83 -5.06 4.39
N SER A 263 4.45 -6.23 3.87
CA SER A 263 4.31 -6.41 2.43
C SER A 263 3.16 -7.36 2.13
N PHE A 264 2.62 -7.22 0.92
CA PHE A 264 1.59 -8.14 0.40
C PHE A 264 1.86 -8.35 -1.09
N ASP A 265 0.99 -9.15 -1.72
CA ASP A 265 1.13 -9.49 -3.14
C ASP A 265 1.37 -8.24 -3.99
N ALA A 266 2.37 -8.39 -4.88
CA ALA A 266 2.74 -7.34 -5.82
C ALA A 266 3.17 -7.87 -7.19
N ALA A 267 3.61 -9.08 -7.34
CA ALA A 267 4.12 -9.49 -8.67
C ALA A 267 2.98 -9.44 -9.69
N GLN A 268 3.26 -8.89 -10.87
CA GLN A 268 2.24 -8.93 -11.92
C GLN A 268 1.84 -10.37 -12.22
N GLY A 269 2.81 -11.28 -12.23
CA GLY A 269 2.57 -12.67 -12.52
C GLY A 269 1.71 -13.39 -11.48
N THR A 270 1.55 -12.76 -10.30
CA THR A 270 0.70 -13.30 -9.24
C THR A 270 -0.32 -12.25 -8.80
N GLY A 271 -0.64 -11.31 -9.66
CA GLY A 271 -1.35 -10.11 -9.30
C GLY A 271 -2.85 -10.24 -9.31
N ALA A 272 -3.51 -9.10 -9.31
CA ALA A 272 -4.96 -9.03 -9.21
C ALA A 272 -5.59 -8.86 -10.58
N LEU A 273 -6.75 -9.51 -10.76
CA LEU A 273 -7.58 -9.34 -11.96
C LEU A 273 -8.50 -8.16 -11.70
N ILE A 274 -8.35 -7.09 -12.45
CA ILE A 274 -8.97 -5.81 -12.22
C ILE A 274 -9.71 -5.36 -13.46
N TYR A 275 -10.94 -4.86 -13.29
CA TYR A 275 -11.72 -4.27 -14.39
C TYR A 275 -11.22 -2.82 -14.64
N ASN A 276 -10.81 -2.55 -15.87
CA ASN A 276 -10.22 -1.26 -16.25
C ASN A 276 -10.82 -0.86 -17.60
N TYR A 277 -11.63 0.21 -17.62
CA TYR A 277 -12.37 0.55 -18.83
C TYR A 277 -13.15 -0.66 -19.35
N GLY A 278 -13.72 -1.44 -18.41
CA GLY A 278 -14.58 -2.57 -18.77
C GLY A 278 -13.87 -3.86 -19.02
N GLN A 279 -12.54 -3.88 -19.16
CA GLN A 279 -11.78 -5.05 -19.55
C GLN A 279 -10.93 -5.51 -18.38
N LEU A 280 -10.85 -6.82 -18.20
CA LEU A 280 -10.04 -7.39 -17.14
C LEU A 280 -8.59 -7.40 -17.52
N GLN A 281 -7.78 -6.96 -16.59
CA GLN A 281 -6.31 -6.95 -16.75
C GLN A 281 -5.71 -7.55 -15.46
N GLN A 282 -4.58 -8.20 -15.59
CA GLN A 282 -3.85 -8.75 -14.44
C GLN A 282 -2.75 -7.76 -14.08
N ILE A 283 -2.89 -7.13 -12.90
CA ILE A 283 -2.09 -5.98 -12.51
C ILE A 283 -1.44 -6.24 -11.18
N GLY A 284 -0.18 -5.82 -11.04
CA GLY A 284 0.54 -5.87 -9.80
C GLY A 284 1.15 -4.52 -9.41
N GLY A 285 2.23 -4.64 -8.67
CA GLY A 285 2.97 -3.54 -8.09
C GLY A 285 2.72 -3.45 -6.61
N THR A 286 3.55 -2.59 -5.96
CA THR A 286 3.24 -2.23 -4.60
C THR A 286 1.97 -1.34 -4.56
N SER A 287 1.53 -0.86 -5.72
CA SER A 287 0.22 -0.26 -5.88
C SER A 287 -0.93 -1.21 -5.58
N LEU A 288 -0.69 -2.53 -5.70
CA LEU A 288 -1.61 -3.59 -5.31
C LEU A 288 -1.45 -3.91 -3.81
N ALA A 289 -0.20 -4.03 -3.37
CA ALA A 289 0.04 -4.46 -1.99
C ALA A 289 -0.57 -3.51 -0.99
N SER A 290 -0.44 -2.19 -1.23
CA SER A 290 -0.99 -1.22 -0.30
C SER A 290 -2.50 -1.36 -0.14
N PRO A 291 -3.29 -1.40 -1.22
CA PRO A 291 -4.75 -1.55 -1.04
C PRO A 291 -5.13 -2.87 -0.41
N ILE A 292 -4.37 -3.96 -0.63
CA ILE A 292 -4.63 -5.19 0.12
C ILE A 292 -4.54 -4.88 1.62
N PHE A 293 -3.43 -4.28 2.05
CA PHE A 293 -3.31 -3.92 3.46
C PHE A 293 -4.47 -3.07 3.92
N VAL A 294 -4.81 -2.05 3.14
CA VAL A 294 -5.87 -1.13 3.56
C VAL A 294 -7.18 -1.89 3.81
N GLY A 295 -7.58 -2.77 2.88
CA GLY A 295 -8.81 -3.50 3.08
C GLY A 295 -8.77 -4.42 4.29
N LEU A 296 -7.63 -5.12 4.47
CA LEU A 296 -7.49 -6.01 5.62
C LEU A 296 -7.50 -5.26 6.94
N TRP A 297 -6.75 -4.14 6.99
CA TRP A 297 -6.66 -3.32 8.18
C TRP A 297 -8.03 -2.71 8.52
N ALA A 298 -8.78 -2.31 7.49
CA ALA A 298 -10.11 -1.78 7.73
C ALA A 298 -11.03 -2.83 8.38
N ARG A 299 -10.84 -4.10 8.08
CA ARG A 299 -11.59 -5.17 8.78
C ARG A 299 -11.28 -5.16 10.26
N LEU A 300 -9.99 -5.06 10.59
CA LEU A 300 -9.57 -5.04 11.98
C LEU A 300 -10.08 -3.79 12.69
N GLN A 301 -10.12 -2.66 11.97
CA GLN A 301 -10.75 -1.46 12.53
C GLN A 301 -12.21 -1.73 12.84
N SER A 302 -12.96 -2.31 11.91
CA SER A 302 -14.38 -2.58 12.14
C SER A 302 -14.52 -3.54 13.33
N ALA A 303 -13.62 -4.50 13.51
CA ALA A 303 -13.66 -5.44 14.64
C ALA A 303 -13.38 -4.78 15.97
N ASN A 304 -12.81 -3.58 15.95
CA ASN A 304 -12.35 -2.85 17.13
C ASN A 304 -12.96 -1.46 17.23
N SER A 305 -14.14 -1.28 16.69
CA SER A 305 -14.88 -0.03 16.79
C SER A 305 -14.09 1.18 16.31
N ASN A 306 -13.25 0.97 15.30
CA ASN A 306 -12.43 2.04 14.72
C ASN A 306 -11.55 2.73 15.77
N SER A 307 -11.13 1.98 16.78
CA SER A 307 -10.42 2.55 17.93
C SER A 307 -8.92 2.28 17.88
N LEU A 308 -8.43 1.64 16.81
CA LEU A 308 -6.99 1.34 16.74
C LEU A 308 -6.28 2.55 16.17
N GLY A 309 -5.28 3.03 16.89
CA GLY A 309 -4.50 4.15 16.46
C GLY A 309 -3.52 3.79 15.39
N PHE A 310 -2.65 4.77 15.04
CA PHE A 310 -1.64 4.55 14.05
C PHE A 310 -0.76 3.36 14.47
N PRO A 311 -0.66 2.31 13.68
CA PRO A 311 -0.23 1.02 14.24
C PRO A 311 1.27 0.70 14.15
N ALA A 312 2.11 1.64 13.71
CA ALA A 312 3.51 1.29 13.44
C ALA A 312 4.20 0.73 14.69
N ALA A 313 4.15 1.45 15.81
CA ALA A 313 4.84 0.96 17.00
C ALA A 313 4.35 -0.40 17.39
N SER A 314 3.03 -0.62 17.38
CA SER A 314 2.46 -1.91 17.74
C SER A 314 2.91 -3.00 16.77
N PHE A 315 2.97 -2.73 15.46
CA PHE A 315 3.46 -3.75 14.53
C PHE A 315 4.88 -4.20 14.93
N TYR A 316 5.76 -3.23 15.20
CA TYR A 316 7.13 -3.59 15.48
C TYR A 316 7.27 -4.35 16.80
N SER A 317 6.56 -3.93 17.84
CA SER A 317 6.66 -4.65 19.12
C SER A 317 6.01 -6.02 19.05
N ALA A 318 4.81 -6.08 18.44
CA ALA A 318 4.06 -7.33 18.36
C ALA A 318 4.77 -8.35 17.47
N ILE A 319 5.17 -7.93 16.26
CA ILE A 319 5.71 -8.90 15.32
C ILE A 319 7.10 -9.38 15.77
N SER A 320 7.93 -8.45 16.27
CA SER A 320 9.26 -8.89 16.72
C SER A 320 9.15 -9.91 17.82
N SER A 321 8.15 -9.81 18.71
CA SER A 321 7.95 -10.72 19.83
C SER A 321 7.10 -11.94 19.46
N THR A 322 6.41 -11.91 18.31
CA THR A 322 5.35 -12.86 17.98
C THR A 322 5.43 -13.20 16.51
N PRO A 323 6.43 -13.99 16.11
CA PRO A 323 6.63 -14.28 14.67
C PRO A 323 5.44 -14.96 14.01
N SER A 324 4.56 -15.61 14.78
CA SER A 324 3.40 -16.24 14.19
C SER A 324 2.41 -15.27 13.58
N LEU A 325 2.55 -13.97 13.81
CA LEU A 325 1.63 -13.00 13.24
C LEU A 325 1.88 -12.74 11.75
N VAL A 326 3.03 -13.14 11.22
CA VAL A 326 3.39 -12.83 9.85
C VAL A 326 3.83 -14.07 9.10
N HIS A 327 3.78 -13.93 7.77
CA HIS A 327 4.51 -14.77 6.84
C HIS A 327 5.83 -14.07 6.55
N ASP A 328 6.91 -14.63 7.08
CA ASP A 328 8.23 -14.06 6.97
C ASP A 328 8.84 -14.40 5.63
N VAL A 329 8.97 -13.41 4.74
CA VAL A 329 9.59 -13.64 3.44
C VAL A 329 11.08 -13.83 3.64
N LYS A 330 11.67 -14.85 3.04
CA LYS A 330 13.06 -15.20 3.21
C LYS A 330 13.90 -15.22 1.95
N SER A 331 13.26 -15.34 0.75
CA SER A 331 13.98 -15.55 -0.48
C SER A 331 13.75 -14.38 -1.46
N GLY A 332 14.84 -13.90 -2.05
CA GLY A 332 14.82 -12.94 -3.13
C GLY A 332 15.52 -11.66 -2.80
N ASN A 333 15.55 -10.76 -3.78
CA ASN A 333 16.29 -9.52 -3.68
C ASN A 333 15.52 -8.44 -4.41
N ASN A 334 15.79 -7.17 -4.09
CA ASN A 334 15.11 -6.06 -4.74
C ASN A 334 16.00 -5.15 -5.59
N GLY A 335 17.06 -5.75 -6.19
CA GLY A 335 17.88 -5.03 -7.13
C GLY A 335 18.03 -5.77 -8.43
N TYR A 336 19.22 -5.68 -9.04
CA TYR A 336 19.49 -6.25 -10.35
C TYR A 336 21.00 -6.48 -10.45
N GLY A 337 21.41 -7.50 -11.18
CA GLY A 337 22.82 -7.68 -11.52
C GLY A 337 23.67 -8.06 -10.33
N GLY A 338 23.10 -8.60 -9.27
CA GLY A 338 23.82 -8.95 -8.03
C GLY A 338 23.76 -7.87 -6.97
N TYR A 339 23.17 -6.73 -7.28
CA TYR A 339 23.02 -5.62 -6.37
C TYR A 339 21.61 -5.66 -5.76
N GLY A 340 21.42 -4.82 -4.76
CA GLY A 340 20.16 -4.71 -4.04
C GLY A 340 20.20 -5.39 -2.68
N TYR A 341 19.14 -5.29 -1.94
CA TYR A 341 19.00 -5.95 -0.66
C TYR A 341 18.39 -7.34 -0.82
N ASN A 342 18.74 -8.24 0.10
CA ASN A 342 18.24 -9.61 0.11
C ASN A 342 17.24 -9.79 1.25
N ALA A 343 16.22 -10.61 1.00
CA ALA A 343 15.35 -11.02 2.09
C ALA A 343 16.11 -11.95 3.03
N GLY A 344 15.59 -12.08 4.23
CA GLY A 344 16.20 -12.96 5.19
C GLY A 344 15.28 -13.18 6.37
N THR A 345 15.79 -13.84 7.40
CA THR A 345 14.98 -14.12 8.57
C THR A 345 14.58 -12.82 9.24
N GLY A 346 13.29 -12.72 9.59
CA GLY A 346 12.80 -11.52 10.23
C GLY A 346 12.70 -10.31 9.30
N TRP A 347 12.78 -9.12 9.88
CA TRP A 347 12.61 -7.91 9.09
C TRP A 347 13.74 -7.81 8.07
N ASP A 348 13.40 -7.46 6.83
CA ASP A 348 14.43 -7.23 5.80
C ASP A 348 14.02 -6.06 4.95
N TYR A 349 15.00 -5.53 4.18
CA TYR A 349 14.73 -4.34 3.41
C TYR A 349 13.78 -4.55 2.23
N PRO A 350 13.73 -5.72 1.56
CA PRO A 350 12.77 -5.81 0.47
C PRO A 350 11.30 -5.83 0.95
N THR A 351 11.06 -6.48 2.10
CA THR A 351 9.71 -6.83 2.49
C THR A 351 9.31 -6.45 3.89
N GLY A 352 10.20 -5.84 4.68
CA GLY A 352 9.88 -5.52 6.06
C GLY A 352 9.59 -6.78 6.83
N TRP A 353 8.50 -6.81 7.61
CA TRP A 353 8.15 -7.98 8.38
C TRP A 353 7.50 -9.09 7.53
N GLY A 354 7.16 -8.82 6.28
CA GLY A 354 6.40 -9.75 5.45
C GLY A 354 4.90 -9.45 5.55
N SER A 355 4.08 -10.44 5.23
CA SER A 355 2.65 -10.24 5.16
C SER A 355 1.99 -10.64 6.49
N LEU A 356 0.84 -10.01 6.76
CA LEU A 356 0.08 -10.29 7.99
C LEU A 356 -0.82 -11.52 7.82
N ASP A 357 -0.87 -12.32 8.89
CA ASP A 357 -1.88 -13.37 9.05
C ASP A 357 -2.99 -12.74 9.88
N ILE A 358 -4.09 -12.34 9.21
CA ILE A 358 -5.06 -11.45 9.83
C ILE A 358 -5.76 -12.07 11.01
N ALA A 359 -6.22 -13.30 10.94
CA ALA A 359 -6.95 -13.85 12.09
C ALA A 359 -6.03 -14.01 13.27
N LYS A 360 -4.75 -14.31 13.05
CA LYS A 360 -3.81 -14.40 14.17
C LYS A 360 -3.54 -13.02 14.77
N LEU A 361 -3.39 -12.00 13.91
CA LEU A 361 -3.26 -10.64 14.42
C LEU A 361 -4.51 -10.20 15.17
N SER A 362 -5.70 -10.56 14.68
CA SER A 362 -6.93 -10.17 15.37
C SER A 362 -6.98 -10.76 16.76
N ALA A 363 -6.61 -12.05 16.89
CA ALA A 363 -6.57 -12.71 18.20
C ALA A 363 -5.58 -12.00 19.12
N TYR A 364 -4.41 -11.63 18.58
CA TYR A 364 -3.42 -10.87 19.36
C TYR A 364 -3.99 -9.58 19.86
N ILE A 365 -4.71 -8.83 19.00
CA ILE A 365 -5.31 -7.57 19.40
C ILE A 365 -6.38 -7.78 20.46
N ARG A 366 -7.20 -8.82 20.32
CA ARG A 366 -8.19 -9.10 21.35
C ARG A 366 -7.55 -9.31 22.70
N SER A 367 -6.42 -9.97 22.74
CA SER A 367 -5.72 -10.27 24.00
C SER A 367 -4.94 -9.09 24.55
N ASN A 368 -4.30 -8.32 23.67
CA ASN A 368 -3.24 -7.42 24.06
C ASN A 368 -3.51 -5.95 23.76
N GLY A 369 -4.54 -5.66 22.97
CA GLY A 369 -4.74 -4.34 22.41
C GLY A 369 -3.77 -4.02 21.29
N PHE A 370 -3.88 -2.85 20.68
CA PHE A 370 -2.97 -2.44 19.63
C PHE A 370 -2.88 -0.93 19.57
N TYR B 2 3.09 13.12 -10.17
CA TYR B 2 2.56 13.30 -8.82
C TYR B 2 1.91 14.67 -8.71
N UNK B 3 1.11 15.01 -9.71
CA UNK B 3 0.83 14.31 -10.94
C UNK B 3 -0.11 15.13 -11.81
CA CA C . 12.09 -11.64 6.15
C ACT D . 4.76 3.43 -6.39
O ACT D . 5.72 3.61 -7.15
OXT ACT D . 4.87 3.84 -5.18
CH3 ACT D . 3.58 2.60 -6.85
C ACT E . 8.81 9.54 14.64
O ACT E . 10.05 9.23 14.39
OXT ACT E . 8.26 9.07 15.63
CH3 ACT E . 8.19 10.58 13.71
C ACT F . -7.25 5.89 18.24
O ACT F . -6.43 5.61 19.22
OXT ACT F . -7.33 5.82 17.04
CH3 ACT F . -8.60 6.36 18.70
C ACT G . 1.50 -17.96 10.28
O ACT G . 0.52 -18.10 9.34
OXT ACT G . 1.61 -18.12 11.59
CH3 ACT G . 2.98 -17.66 10.22
C1 GOL H . -12.66 -9.83 -10.90
O1 GOL H . -13.18 -9.26 -9.71
C2 GOL H . -13.54 -11.03 -11.22
O2 GOL H . -14.94 -10.60 -11.38
C3 GOL H . -13.08 -11.75 -12.49
O3 GOL H . -11.68 -11.88 -12.65
O3 GOL H . -14.00 -12.97 -12.47
C1 GOL I . -0.99 2.51 20.33
O1 GOL I . -0.89 1.92 19.15
C2 GOL I . -0.85 4.05 20.19
O2 GOL I . 0.44 4.40 19.72
C3 GOL I . -1.78 4.66 19.18
O3 GOL I . -3.12 4.48 19.65
C1 GOL J . -11.42 9.02 11.60
O1 GOL J . -10.26 9.31 12.34
C2 GOL J . -12.22 8.03 12.39
O2 GOL J . -12.66 8.39 13.67
C3 GOL J . -13.18 7.29 11.52
O3 GOL J . -13.51 6.05 12.11
C1 GOL K . 8.03 -14.37 -10.74
O1 GOL K . 9.04 -13.39 -10.65
C2 GOL K . 6.58 -13.90 -10.97
O2 GOL K . 6.48 -13.29 -12.26
C3 GOL K . 5.62 -15.10 -10.88
O3 GOL K . 5.98 -16.16 -11.74
#